data_5XTM
#
_entry.id   5XTM
#
_cell.length_a   52.070
_cell.length_b   71.720
_cell.length_c   91.280
_cell.angle_alpha   90.000
_cell.angle_beta   105.580
_cell.angle_gamma   90.000
#
_symmetry.space_group_name_H-M   'P 1 21 1'
#
loop_
_entity.id
_entity.type
_entity.pdbx_description
1 polymer '50S ribosomal protein L7Ae'
2 polymer 'RNA (47-MER)'
3 non-polymer 'MAGNESIUM ION'
4 water water
#
loop_
_entity_poly.entity_id
_entity_poly.type
_entity_poly.pdbx_seq_one_letter_code
_entity_poly.pdbx_strand_id
1 'polypeptide(L)'
;MMAKPSYVKFEVPKELAEKALQAVEIARDTGKIRKGTNETTKAVERGQAKLVIIAEDVDPEEIVAHLPPLCEEKEIPYIY
VPSKKELGAAAGIEVAAASVAIIEPGKARDLVEEIAMKVRELMKLEHHHHHH
;
A,C
2 'polyribonucleotide' (GTP)GUAUGGGAUGAAAGCGGUGAAGGGAAACCGAGUUAACCCCUAAGCC B,D
#
loop_
_chem_comp.id
_chem_comp.type
_chem_comp.name
_chem_comp.formula
A RNA linking ADENOSINE-5'-MONOPHOSPHATE 'C10 H14 N5 O7 P'
C RNA linking CYTIDINE-5'-MONOPHOSPHATE 'C9 H14 N3 O8 P'
G RNA linking GUANOSINE-5'-MONOPHOSPHATE 'C10 H14 N5 O8 P'
GTP non-polymer GUANOSINE-5'-TRIPHOSPHATE 'C10 H16 N5 O14 P3'
MG non-polymer 'MAGNESIUM ION' 'Mg 2'
U RNA linking URIDINE-5'-MONOPHOSPHATE 'C9 H13 N2 O9 P'
#
# COMPACT_ATOMS: atom_id res chain seq x y z
N LYS A 4 -0.61 29.14 -22.62
CA LYS A 4 -1.00 28.18 -21.59
C LYS A 4 -2.45 28.42 -21.18
N PRO A 5 -3.11 27.38 -20.65
CA PRO A 5 -4.53 27.50 -20.31
C PRO A 5 -4.79 28.60 -19.29
N SER A 6 -6.06 28.99 -19.19
CA SER A 6 -6.46 30.10 -18.34
C SER A 6 -6.48 29.75 -16.86
N TYR A 7 -6.45 28.47 -16.50
CA TYR A 7 -6.37 28.09 -15.09
C TYR A 7 -4.94 28.06 -14.57
N VAL A 8 -3.95 28.05 -15.46
CA VAL A 8 -2.55 28.12 -15.05
C VAL A 8 -2.23 29.59 -14.77
N LYS A 9 -2.05 29.93 -13.50
CA LYS A 9 -1.92 31.32 -13.09
C LYS A 9 -0.48 31.81 -13.00
N PHE A 10 0.49 30.90 -12.88
CA PHE A 10 1.89 31.32 -12.76
C PHE A 10 2.80 30.29 -13.38
N GLU A 11 3.97 30.75 -13.81
CA GLU A 11 4.97 29.89 -14.42
C GLU A 11 5.74 29.14 -13.35
N VAL A 12 5.88 27.83 -13.53
CA VAL A 12 6.61 26.97 -12.60
C VAL A 12 7.92 26.56 -13.25
N PRO A 13 9.07 26.85 -12.63
CA PRO A 13 10.34 26.40 -13.21
C PRO A 13 10.38 24.87 -13.34
N LYS A 14 11.19 24.41 -14.29
CA LYS A 14 11.25 22.98 -14.60
C LYS A 14 11.65 22.16 -13.37
N GLU A 15 12.70 22.59 -12.67
CA GLU A 15 13.17 21.84 -11.52
C GLU A 15 12.23 21.95 -10.31
N LEU A 16 11.34 22.94 -10.31
CA LEU A 16 10.34 23.00 -9.25
C LEU A 16 9.18 22.04 -9.53
N ALA A 17 8.81 21.91 -10.80
CA ALA A 17 7.81 20.91 -11.17
C ALA A 17 8.31 19.49 -10.93
N GLU A 18 9.62 19.27 -11.08
CA GLU A 18 10.18 17.96 -10.79
C GLU A 18 10.13 17.64 -9.30
N LYS A 19 10.36 18.66 -8.46
CA LYS A 19 10.23 18.46 -7.01
C LYS A 19 8.80 18.10 -6.64
N ALA A 20 7.82 18.72 -7.31
CA ALA A 20 6.42 18.36 -7.07
C ALA A 20 6.16 16.90 -7.45
N LEU A 21 6.62 16.49 -8.64
CA LEU A 21 6.49 15.10 -9.06
C LEU A 21 7.20 14.17 -8.08
N GLN A 22 8.42 14.54 -7.69
CA GLN A 22 9.16 13.73 -6.71
C GLN A 22 8.41 13.66 -5.39
N ALA A 23 7.76 14.76 -5.00
CA ALA A 23 7.01 14.75 -3.74
C ALA A 23 5.80 13.83 -3.83
N VAL A 24 5.14 13.78 -4.99
CA VAL A 24 4.00 12.89 -5.16
C VAL A 24 4.45 11.44 -5.05
N GLU A 25 5.58 11.09 -5.65
CA GLU A 25 6.07 9.72 -5.60
C GLU A 25 6.44 9.32 -4.17
N ILE A 26 7.16 10.19 -3.46
CA ILE A 26 7.57 9.87 -2.10
C ILE A 26 6.34 9.78 -1.19
N ALA A 27 5.38 10.68 -1.35
CA ALA A 27 4.18 10.63 -0.54
C ALA A 27 3.32 9.41 -0.88
N ARG A 28 3.31 9.01 -2.15
CA ARG A 28 2.59 7.79 -2.51
C ARG A 28 3.19 6.57 -1.85
N ASP A 29 4.52 6.54 -1.68
CA ASP A 29 5.20 5.39 -1.10
C ASP A 29 5.25 5.40 0.42
N THR A 30 5.37 6.58 1.04
CA THR A 30 5.57 6.68 2.48
C THR A 30 4.47 7.46 3.21
N GLY A 31 3.57 8.11 2.49
CA GLY A 31 2.52 8.88 3.13
C GLY A 31 1.13 8.55 2.60
N LYS A 32 0.38 9.59 2.23
CA LYS A 32 -0.98 9.39 1.74
C LYS A 32 -1.30 10.47 0.72
N ILE A 33 -1.81 10.06 -0.44
CA ILE A 33 -2.18 10.99 -1.50
C ILE A 33 -3.60 10.70 -1.95
N ARG A 34 -4.16 11.65 -2.69
CA ARG A 34 -5.39 11.47 -3.44
C ARG A 34 -5.12 11.83 -4.88
N LYS A 35 -5.53 10.97 -5.81
CA LYS A 35 -5.30 11.18 -7.22
C LYS A 35 -6.61 11.17 -7.98
N GLY A 36 -6.72 12.04 -8.98
CA GLY A 36 -7.99 12.23 -9.66
C GLY A 36 -8.69 13.48 -9.17
N THR A 37 -9.35 14.19 -10.07
CA THR A 37 -9.88 15.51 -9.72
C THR A 37 -10.97 15.43 -8.64
N ASN A 38 -11.79 14.38 -8.66
CA ASN A 38 -12.86 14.26 -7.67
C ASN A 38 -12.29 14.04 -6.28
N GLU A 39 -11.37 13.09 -6.13
CA GLU A 39 -10.73 12.86 -4.85
C GLU A 39 -9.91 14.08 -4.42
N THR A 40 -9.22 14.71 -5.38
CA THR A 40 -8.40 15.86 -5.06
C THR A 40 -9.25 17.04 -4.59
N THR A 41 -10.36 17.30 -5.29
CA THR A 41 -11.22 18.42 -4.92
C THR A 41 -11.78 18.23 -3.52
N LYS A 42 -12.26 17.02 -3.21
CA LYS A 42 -12.77 16.75 -1.87
C LYS A 42 -11.69 16.91 -0.82
N ALA A 43 -10.46 16.52 -1.15
CA ALA A 43 -9.35 16.71 -0.21
C ALA A 43 -9.14 18.18 0.11
N VAL A 44 -9.44 19.07 -0.85
CA VAL A 44 -9.32 20.50 -0.61
C VAL A 44 -10.52 21.02 0.17
N GLU A 45 -11.72 20.62 -0.24
CA GLU A 45 -12.94 21.08 0.44
C GLU A 45 -12.94 20.67 1.90
N ARG A 46 -12.40 19.49 2.20
CA ARG A 46 -12.35 18.96 3.56
C ARG A 46 -11.08 19.38 4.31
N GLY A 47 -10.26 20.24 3.71
CA GLY A 47 -9.08 20.74 4.40
C GLY A 47 -8.00 19.72 4.66
N GLN A 48 -7.95 18.64 3.88
CA GLN A 48 -6.96 17.59 4.11
C GLN A 48 -5.70 17.78 3.29
N ALA A 49 -5.81 18.45 2.14
CA ALA A 49 -4.67 18.55 1.23
C ALA A 49 -3.59 19.45 1.81
N LYS A 50 -2.37 18.93 1.86
CA LYS A 50 -1.21 19.74 2.21
C LYS A 50 -0.57 20.38 0.99
N LEU A 51 -0.75 19.78 -0.18
CA LEU A 51 -0.28 20.34 -1.44
C LEU A 51 -1.10 19.75 -2.58
N VAL A 52 -1.53 20.60 -3.50
CA VAL A 52 -2.30 20.19 -4.66
C VAL A 52 -1.43 20.36 -5.90
N ILE A 53 -1.41 19.34 -6.75
CA ILE A 53 -0.61 19.35 -7.98
C ILE A 53 -1.58 19.27 -9.15
N ILE A 54 -1.47 20.23 -10.07
CA ILE A 54 -2.41 20.37 -11.17
C ILE A 54 -1.64 20.27 -12.48
N ALA A 55 -2.14 19.44 -13.38
CA ALA A 55 -1.51 19.30 -14.70
C ALA A 55 -1.84 20.51 -15.57
N GLU A 56 -0.87 20.91 -16.38
CA GLU A 56 -1.04 22.06 -17.26
C GLU A 56 -1.73 21.74 -18.58
N ASP A 57 -1.84 20.46 -18.94
CA ASP A 57 -2.39 20.07 -20.23
C ASP A 57 -3.77 19.41 -20.09
N VAL A 58 -4.62 19.96 -19.24
CA VAL A 58 -5.97 19.43 -19.02
C VAL A 58 -6.91 20.07 -20.04
N ASP A 59 -7.59 19.24 -20.81
CA ASP A 59 -8.52 19.71 -21.82
C ASP A 59 -9.77 18.84 -21.81
N PRO A 60 -10.95 19.44 -21.59
CA PRO A 60 -11.23 20.87 -21.34
C PRO A 60 -10.74 21.40 -19.99
N GLU A 61 -10.51 22.71 -19.93
CA GLU A 61 -9.97 23.34 -18.73
C GLU A 61 -10.92 23.23 -17.54
N GLU A 62 -12.22 23.21 -17.79
CA GLU A 62 -13.21 23.25 -16.72
C GLU A 62 -13.13 22.06 -15.78
N ILE A 63 -12.35 21.05 -16.11
CA ILE A 63 -12.19 19.90 -15.21
C ILE A 63 -11.43 20.29 -13.96
N VAL A 64 -10.45 21.18 -14.09
CA VAL A 64 -9.60 21.60 -12.99
C VAL A 64 -9.63 23.09 -12.75
N ALA A 65 -10.44 23.85 -13.51
CA ALA A 65 -10.43 25.30 -13.38
C ALA A 65 -10.87 25.76 -11.99
N HIS A 66 -11.71 24.98 -11.32
CA HIS A 66 -12.18 25.34 -9.98
C HIS A 66 -11.11 25.15 -8.91
N LEU A 67 -10.02 24.45 -9.23
CA LEU A 67 -9.06 24.08 -8.19
C LEU A 67 -8.24 25.27 -7.70
N PRO A 68 -7.64 26.10 -8.56
CA PRO A 68 -6.85 27.23 -8.05
C PRO A 68 -7.65 28.17 -7.17
N PRO A 69 -8.89 28.53 -7.52
CA PRO A 69 -9.66 29.37 -6.58
C PRO A 69 -10.01 28.64 -5.29
N LEU A 70 -10.41 27.37 -5.39
CA LEU A 70 -10.77 26.62 -4.19
C LEU A 70 -9.59 26.47 -3.25
N CYS A 71 -8.40 26.24 -3.80
CA CYS A 71 -7.22 26.09 -2.96
C CYS A 71 -6.88 27.38 -2.22
N GLU A 72 -7.01 28.52 -2.89
CA GLU A 72 -6.71 29.79 -2.26
C GLU A 72 -7.69 30.09 -1.12
N GLU A 73 -8.97 29.80 -1.33
CA GLU A 73 -9.96 29.99 -0.27
C GLU A 73 -9.65 29.13 0.94
N LYS A 74 -9.27 27.87 0.71
CA LYS A 74 -9.01 26.94 1.81
C LYS A 74 -7.58 27.04 2.34
N GLU A 75 -6.78 27.99 1.83
CA GLU A 75 -5.42 28.22 2.31
C GLU A 75 -4.55 26.98 2.12
N ILE A 76 -4.64 26.39 0.93
CA ILE A 76 -3.90 25.19 0.59
C ILE A 76 -3.05 25.50 -0.63
N PRO A 77 -1.73 25.30 -0.58
CA PRO A 77 -0.88 25.64 -1.72
C PRO A 77 -1.07 24.66 -2.87
N TYR A 78 -0.87 25.17 -4.09
CA TYR A 78 -1.01 24.37 -5.30
C TYR A 78 0.11 24.73 -6.27
N ILE A 79 0.52 23.74 -7.06
CA ILE A 79 1.61 23.91 -8.02
C ILE A 79 1.22 23.24 -9.32
N TYR A 80 1.74 23.79 -10.42
CA TYR A 80 1.42 23.30 -11.76
C TYR A 80 2.51 22.36 -12.26
N VAL A 81 2.10 21.37 -13.02
CA VAL A 81 3.01 20.38 -13.57
C VAL A 81 2.65 20.20 -15.05
N PRO A 82 3.62 20.00 -15.95
CA PRO A 82 3.31 20.12 -17.38
C PRO A 82 2.47 18.99 -17.95
N SER A 83 2.62 17.76 -17.49
CA SER A 83 2.00 16.60 -18.13
C SER A 83 1.06 15.87 -17.18
N LYS A 84 -0.18 15.66 -17.62
CA LYS A 84 -1.13 14.89 -16.82
C LYS A 84 -0.76 13.41 -16.78
N LYS A 85 -0.19 12.87 -17.86
CA LYS A 85 0.24 11.48 -17.85
C LYS A 85 1.41 11.28 -16.90
N GLU A 86 2.37 12.22 -16.90
CA GLU A 86 3.49 12.13 -15.98
C GLU A 86 3.03 12.27 -14.53
N LEU A 87 2.00 13.07 -14.29
CA LEU A 87 1.46 13.21 -12.94
C LEU A 87 0.79 11.92 -12.47
N GLY A 88 0.05 11.26 -13.35
CA GLY A 88 -0.56 9.99 -13.00
C GLY A 88 0.47 8.92 -12.67
N ALA A 89 1.54 8.87 -13.46
CA ALA A 89 2.61 7.91 -13.17
C ALA A 89 3.25 8.19 -11.82
N ALA A 90 3.45 9.47 -11.49
CA ALA A 90 3.98 9.83 -10.18
C ALA A 90 3.05 9.39 -9.07
N ALA A 91 1.73 9.51 -9.29
CA ALA A 91 0.75 9.02 -8.33
C ALA A 91 0.70 7.50 -8.29
N GLY A 92 1.34 6.80 -9.22
CA GLY A 92 1.37 5.36 -9.21
C GLY A 92 0.19 4.68 -9.88
N ILE A 93 -0.45 5.34 -10.84
CA ILE A 93 -1.58 4.75 -11.53
C ILE A 93 -1.23 4.58 -13.01
N GLU A 94 -1.94 3.66 -13.65
CA GLU A 94 -1.68 3.30 -15.04
C GLU A 94 -2.25 4.31 -16.03
N VAL A 95 -2.76 5.44 -15.56
CA VAL A 95 -3.50 6.37 -16.39
C VAL A 95 -3.18 7.79 -15.95
N ALA A 96 -3.51 8.75 -16.81
CA ALA A 96 -3.21 10.15 -16.50
C ALA A 96 -4.01 10.64 -15.30
N ALA A 97 -3.49 11.66 -14.64
CA ALA A 97 -4.16 12.31 -13.53
C ALA A 97 -4.13 13.81 -13.74
N ALA A 98 -5.31 14.41 -13.91
CA ALA A 98 -5.40 15.85 -14.09
C ALA A 98 -4.97 16.61 -12.83
N SER A 99 -5.19 16.02 -11.66
CA SER A 99 -4.77 16.67 -10.42
C SER A 99 -4.53 15.61 -9.35
N VAL A 100 -3.69 15.98 -8.39
CA VAL A 100 -3.34 15.13 -7.25
C VAL A 100 -3.27 16.01 -6.01
N ALA A 101 -3.62 15.43 -4.87
CA ALA A 101 -3.50 16.11 -3.58
C ALA A 101 -2.68 15.24 -2.65
N ILE A 102 -1.63 15.82 -2.06
CA ILE A 102 -0.84 15.14 -1.04
C ILE A 102 -1.47 15.45 0.32
N ILE A 103 -1.96 14.40 0.98
CA ILE A 103 -2.56 14.55 2.30
C ILE A 103 -1.47 14.39 3.35
N GLU A 104 -0.87 13.21 3.42
CA GLU A 104 0.24 12.96 4.33
C GLU A 104 1.52 12.89 3.51
N PRO A 105 2.41 13.89 3.63
CA PRO A 105 3.62 13.88 2.78
C PRO A 105 4.62 12.80 3.17
N GLY A 106 4.54 12.25 4.37
CA GLY A 106 5.47 11.19 4.75
C GLY A 106 6.90 11.70 4.78
N LYS A 107 7.78 11.04 4.02
CA LYS A 107 9.17 11.47 3.96
C LYS A 107 9.39 12.63 3.00
N ALA A 108 8.34 13.15 2.37
CA ALA A 108 8.43 14.34 1.54
C ALA A 108 7.91 15.58 2.24
N ARG A 109 7.78 15.54 3.57
CA ARG A 109 7.24 16.67 4.30
C ARG A 109 8.08 17.92 4.11
N ASP A 110 9.40 17.78 4.22
CA ASP A 110 10.28 18.92 4.00
C ASP A 110 10.24 19.39 2.55
N LEU A 111 10.03 18.45 1.62
CA LEU A 111 10.00 18.81 0.21
C LEU A 111 8.74 19.59 -0.16
N VAL A 112 7.57 19.10 0.27
CA VAL A 112 6.33 19.81 -0.02
C VAL A 112 6.33 21.17 0.66
N GLU A 113 7.08 21.31 1.74
CA GLU A 113 7.12 22.57 2.47
C GLU A 113 7.99 23.60 1.74
N GLU A 114 9.10 23.15 1.15
CA GLU A 114 9.89 24.03 0.31
C GLU A 114 9.11 24.45 -0.94
N ILE A 115 8.29 23.53 -1.46
CA ILE A 115 7.44 23.86 -2.60
C ILE A 115 6.37 24.86 -2.20
N ALA A 116 5.76 24.66 -1.03
CA ALA A 116 4.67 25.52 -0.59
C ALA A 116 5.16 26.96 -0.38
N MET A 117 6.40 27.13 0.08
CA MET A 117 6.91 28.47 0.30
C MET A 117 7.13 29.21 -1.01
N LYS A 118 7.78 28.55 -1.98
CA LYS A 118 8.02 29.19 -3.27
C LYS A 118 6.73 29.33 -4.07
N VAL A 119 5.74 28.46 -3.84
CA VAL A 119 4.48 28.59 -4.54
C VAL A 119 3.67 29.76 -3.97
N ARG A 120 3.71 29.95 -2.65
CA ARG A 120 3.13 31.16 -2.06
C ARG A 120 3.79 32.41 -2.61
N GLU A 121 5.08 32.33 -2.94
CA GLU A 121 5.74 33.42 -3.64
C GLU A 121 5.15 33.61 -5.04
N LEU A 122 5.10 32.53 -5.83
CA LEU A 122 4.66 32.64 -7.20
C LEU A 122 3.19 33.04 -7.32
N MET A 123 2.40 32.85 -6.26
CA MET A 123 1.04 33.35 -6.26
C MET A 123 0.97 34.86 -6.26
N LYS A 124 2.03 35.54 -5.77
CA LYS A 124 2.18 36.98 -5.84
C LYS A 124 0.97 37.73 -5.27
PG GTP B 1 -28.11 -27.84 -11.08
O1G GTP B 1 -28.65 -28.21 -12.43
O2G GTP B 1 -27.74 -26.38 -11.06
O3G GTP B 1 -26.88 -28.67 -10.77
O3B GTP B 1 -29.20 -28.17 -9.93
PB GTP B 1 -29.62 -29.69 -9.56
O1B GTP B 1 -31.12 -29.84 -9.39
O2B GTP B 1 -28.90 -30.11 -8.30
O3A GTP B 1 -29.10 -30.55 -10.83
PA GTP B 1 -28.28 -31.93 -10.63
O1A GTP B 1 -28.71 -32.63 -9.37
O2A GTP B 1 -26.80 -31.65 -10.62
O5' GTP B 1 -28.64 -32.83 -11.91
C5' GTP B 1 -27.67 -32.97 -12.93
C4' GTP B 1 -28.28 -32.87 -14.31
O4' GTP B 1 -29.70 -32.77 -14.29
C3' GTP B 1 -27.85 -31.61 -15.04
O3' GTP B 1 -26.54 -31.71 -15.56
C2' GTP B 1 -28.90 -31.52 -16.13
O2' GTP B 1 -28.52 -32.33 -17.24
C1' GTP B 1 -30.14 -32.10 -15.47
N9 GTP B 1 -30.99 -30.95 -15.08
C8 GTP B 1 -31.27 -30.56 -13.81
N7 GTP B 1 -32.07 -29.46 -13.85
C5 GTP B 1 -32.29 -29.16 -15.15
C6 GTP B 1 -33.03 -28.15 -15.75
O6 GTP B 1 -33.63 -27.34 -15.06
N1 GTP B 1 -33.10 -28.08 -17.13
C2 GTP B 1 -32.42 -29.01 -17.90
N2 GTP B 1 -32.48 -28.93 -19.22
N3 GTP B 1 -31.69 -30.00 -17.29
C4 GTP B 1 -31.62 -30.08 -15.94
N MET C 2 -2.21 -28.18 28.42
CA MET C 2 -0.90 -28.77 28.59
C MET C 2 -0.35 -29.30 27.26
N ALA C 3 -1.03 -28.96 26.17
CA ALA C 3 -0.63 -29.43 24.86
C ALA C 3 -1.09 -28.45 23.79
N LYS C 4 -0.26 -28.25 22.79
CA LYS C 4 -0.60 -27.42 21.65
C LYS C 4 -1.75 -28.05 20.87
N PRO C 5 -2.44 -27.27 20.03
CA PRO C 5 -3.53 -27.85 19.22
C PRO C 5 -3.02 -28.93 18.28
N SER C 6 -3.98 -29.77 17.85
CA SER C 6 -3.63 -30.93 17.04
C SER C 6 -3.27 -30.55 15.61
N TYR C 7 -3.65 -29.36 15.14
CA TYR C 7 -3.32 -28.94 13.79
C TYR C 7 -1.90 -28.41 13.66
N VAL C 8 -1.20 -28.17 14.78
CA VAL C 8 0.19 -27.75 14.73
C VAL C 8 1.04 -29.00 14.53
N LYS C 9 1.65 -29.12 13.35
CA LYS C 9 2.32 -30.35 12.95
C LYS C 9 3.81 -30.36 13.30
N PHE C 10 4.47 -29.21 13.31
CA PHE C 10 5.90 -29.17 13.57
C PHE C 10 6.23 -27.91 14.36
N GLU C 11 7.45 -27.90 14.92
CA GLU C 11 7.93 -26.79 15.71
C GLU C 11 8.64 -25.77 14.83
N VAL C 12 8.34 -24.50 15.04
CA VAL C 12 8.92 -23.40 14.26
C VAL C 12 9.72 -22.52 15.21
N PRO C 13 11.03 -22.37 15.01
CA PRO C 13 11.79 -21.46 15.86
C PRO C 13 11.34 -20.02 15.67
N LYS C 14 11.61 -19.21 16.70
CA LYS C 14 11.15 -17.81 16.70
C LYS C 14 11.66 -17.06 15.48
N GLU C 15 12.93 -17.24 15.13
CA GLU C 15 13.51 -16.52 14.01
C GLU C 15 12.79 -16.83 12.71
N LEU C 16 12.41 -18.10 12.52
CA LEU C 16 11.69 -18.47 11.30
C LEU C 16 10.26 -17.95 11.31
N ALA C 17 9.62 -17.92 12.49
CA ALA C 17 8.29 -17.34 12.59
C ALA C 17 8.30 -15.86 12.26
N GLU C 18 9.33 -15.13 12.73
CA GLU C 18 9.45 -13.71 12.41
C GLU C 18 9.65 -13.50 10.91
N LYS C 19 10.40 -14.39 10.26
CA LYS C 19 10.54 -14.30 8.81
C LYS C 19 9.21 -14.48 8.11
N ALA C 20 8.36 -15.37 8.63
CA ALA C 20 7.01 -15.53 8.08
C ALA C 20 6.19 -14.27 8.27
N LEU C 21 6.26 -13.66 9.46
CA LEU C 21 5.60 -12.38 9.67
C LEU C 21 6.14 -11.32 8.72
N GLN C 22 7.47 -11.26 8.58
CA GLN C 22 8.08 -10.28 7.69
C GLN C 22 7.63 -10.47 6.25
N ALA C 23 7.55 -11.74 5.80
CA ALA C 23 7.11 -12.01 4.43
C ALA C 23 5.68 -11.56 4.21
N VAL C 24 4.83 -11.69 5.23
CA VAL C 24 3.44 -11.23 5.11
C VAL C 24 3.40 -9.71 4.99
N GLU C 25 4.22 -9.01 5.77
CA GLU C 25 4.25 -7.55 5.71
C GLU C 25 4.76 -7.07 4.35
N ILE C 26 5.85 -7.67 3.86
CA ILE C 26 6.41 -7.24 2.58
C ILE C 26 5.44 -7.55 1.44
N ALA C 27 4.85 -8.75 1.44
CA ALA C 27 3.87 -9.09 0.41
C ALA C 27 2.62 -8.24 0.53
N ARG C 28 2.25 -7.82 1.75
CA ARG C 28 1.09 -6.94 1.91
C ARG C 28 1.32 -5.60 1.22
N ASP C 29 2.54 -5.08 1.26
CA ASP C 29 2.82 -3.76 0.73
C ASP C 29 3.31 -3.78 -0.71
N THR C 30 3.97 -4.86 -1.15
CA THR C 30 4.54 -4.94 -2.49
C THR C 30 3.96 -6.07 -3.33
N GLY C 31 2.93 -6.75 -2.84
CA GLY C 31 2.33 -7.87 -3.56
C GLY C 31 0.87 -8.01 -3.23
N LYS C 32 0.41 -9.25 -3.06
CA LYS C 32 -0.98 -9.55 -2.77
C LYS C 32 -1.05 -10.64 -1.70
N ILE C 33 -1.95 -10.46 -0.75
CA ILE C 33 -2.18 -11.48 0.28
C ILE C 33 -3.68 -11.73 0.41
N ARG C 34 -4.02 -12.85 1.03
CA ARG C 34 -5.37 -13.14 1.48
C ARG C 34 -5.33 -13.28 3.00
N LYS C 35 -6.22 -12.57 3.68
CA LYS C 35 -6.24 -12.55 5.14
C LYS C 35 -7.56 -13.11 5.62
N GLY C 36 -7.49 -13.91 6.68
CA GLY C 36 -8.70 -14.59 7.14
C GLY C 36 -8.82 -15.98 6.56
N THR C 37 -9.40 -16.88 7.37
CA THR C 37 -9.42 -18.29 7.00
C THR C 37 -10.28 -18.55 5.77
N ASN C 38 -11.36 -17.80 5.59
CA ASN C 38 -12.20 -17.99 4.41
C ASN C 38 -11.45 -17.59 3.14
N GLU C 39 -10.78 -16.44 3.16
CA GLU C 39 -10.00 -16.02 2.00
C GLU C 39 -8.77 -16.89 1.80
N THR C 40 -8.15 -17.33 2.90
CA THR C 40 -6.95 -18.15 2.80
C THR C 40 -7.27 -19.51 2.21
N THR C 41 -8.34 -20.15 2.69
CA THR C 41 -8.68 -21.49 2.21
C THR C 41 -9.00 -21.46 0.72
N LYS C 42 -9.77 -20.47 0.28
CA LYS C 42 -10.08 -20.35 -1.14
C LYS C 42 -8.81 -20.13 -1.97
N ALA C 43 -7.85 -19.39 -1.43
CA ALA C 43 -6.59 -19.18 -2.12
C ALA C 43 -5.85 -20.50 -2.33
N VAL C 44 -5.95 -21.42 -1.37
CA VAL C 44 -5.30 -22.72 -1.52
C VAL C 44 -6.06 -23.58 -2.53
N GLU C 45 -7.39 -23.59 -2.45
CA GLU C 45 -8.19 -24.41 -3.36
C GLU C 45 -8.07 -23.93 -4.80
N ARG C 46 -7.91 -22.61 -5.00
CA ARG C 46 -7.75 -22.04 -6.33
C ARG C 46 -6.30 -22.05 -6.80
N GLY C 47 -5.39 -22.67 -6.03
CA GLY C 47 -4.00 -22.74 -6.42
C GLY C 47 -3.27 -21.41 -6.49
N GLN C 48 -3.77 -20.40 -5.77
CA GLN C 48 -3.14 -19.09 -5.80
C GLN C 48 -2.04 -18.93 -4.77
N ALA C 49 -2.10 -19.68 -3.67
CA ALA C 49 -1.23 -19.44 -2.52
C ALA C 49 0.18 -19.95 -2.79
N LYS C 50 1.17 -19.11 -2.51
CA LYS C 50 2.56 -19.52 -2.50
C LYS C 50 3.07 -19.85 -1.10
N LEU C 51 2.42 -19.33 -0.07
CA LEU C 51 2.77 -19.64 1.31
C LEU C 51 1.56 -19.39 2.20
N VAL C 52 1.27 -20.35 3.08
CA VAL C 52 0.16 -20.26 4.01
C VAL C 52 0.74 -20.09 5.41
N ILE C 53 0.20 -19.14 6.16
CA ILE C 53 0.67 -18.82 7.51
C ILE C 53 -0.48 -19.08 8.47
N ILE C 54 -0.24 -19.93 9.46
CA ILE C 54 -1.28 -20.40 10.37
C ILE C 54 -0.90 -20.03 11.79
N ALA C 55 -1.87 -19.51 12.53
CA ALA C 55 -1.63 -19.15 13.93
C ALA C 55 -1.76 -20.39 14.81
N GLU C 56 -0.89 -20.48 15.81
CA GLU C 56 -0.88 -21.62 16.72
C GLU C 56 -1.94 -21.55 17.80
N ASP C 57 -2.57 -20.39 18.00
CA ASP C 57 -3.51 -20.18 19.10
C ASP C 57 -4.95 -20.01 18.62
N VAL C 58 -5.37 -20.85 17.69
CA VAL C 58 -6.74 -20.79 17.17
C VAL C 58 -7.61 -21.71 18.00
N ASP C 59 -8.75 -21.18 18.47
CA ASP C 59 -9.68 -21.94 19.30
C ASP C 59 -11.11 -21.53 18.96
N PRO C 60 -11.94 -22.49 18.50
CA PRO C 60 -11.66 -23.93 18.34
C PRO C 60 -10.72 -24.28 17.19
N GLU C 61 -10.15 -25.48 17.25
CA GLU C 61 -9.23 -25.93 16.21
C GLU C 61 -9.90 -26.05 14.85
N GLU C 62 -11.22 -26.30 14.82
CA GLU C 62 -11.90 -26.56 13.57
C GLU C 62 -11.85 -25.39 12.60
N ILE C 63 -11.55 -24.19 13.10
CA ILE C 63 -11.46 -23.02 12.23
C ILE C 63 -10.37 -23.22 11.19
N VAL C 64 -9.24 -23.81 11.58
CA VAL C 64 -8.06 -23.85 10.75
C VAL C 64 -7.49 -25.26 10.57
N ALA C 65 -8.05 -26.26 11.23
CA ALA C 65 -7.47 -27.60 11.21
C ALA C 65 -7.42 -28.20 9.81
N HIS C 66 -8.26 -27.75 8.90
CA HIS C 66 -8.29 -28.29 7.55
C HIS C 66 -7.16 -27.77 6.66
N LEU C 67 -6.45 -26.73 7.09
CA LEU C 67 -5.46 -26.12 6.20
C LEU C 67 -4.21 -26.97 6.03
N PRO C 68 -3.59 -27.54 7.07
CA PRO C 68 -2.38 -28.35 6.85
C PRO C 68 -2.63 -29.52 5.90
N PRO C 69 -3.73 -30.29 6.05
CA PRO C 69 -3.96 -31.35 5.06
C PRO C 69 -4.23 -30.82 3.66
N LEU C 70 -4.95 -29.71 3.55
CA LEU C 70 -5.24 -29.13 2.24
C LEU C 70 -3.97 -28.62 1.57
N CYS C 71 -3.08 -27.99 2.33
CA CYS C 71 -1.84 -27.50 1.74
C CYS C 71 -0.95 -28.65 1.28
N GLU C 72 -0.98 -29.79 1.98
CA GLU C 72 -0.18 -30.93 1.55
C GLU C 72 -0.76 -31.59 0.31
N GLU C 73 -2.09 -31.58 0.15
CA GLU C 73 -2.70 -32.07 -1.08
C GLU C 73 -2.30 -31.21 -2.27
N LYS C 74 -2.39 -29.89 -2.12
CA LYS C 74 -2.06 -28.96 -3.20
C LYS C 74 -0.57 -28.67 -3.31
N GLU C 75 0.26 -29.31 -2.49
CA GLU C 75 1.71 -29.08 -2.49
C GLU C 75 2.01 -27.59 -2.31
N ILE C 76 1.44 -27.00 -1.27
CA ILE C 76 1.64 -25.59 -0.94
C ILE C 76 2.30 -25.53 0.42
N PRO C 77 3.42 -24.84 0.57
CA PRO C 77 4.08 -24.80 1.89
C PRO C 77 3.29 -23.96 2.88
N TYR C 78 3.25 -24.43 4.12
CA TYR C 78 2.62 -23.70 5.21
C TYR C 78 3.57 -23.63 6.39
N ILE C 79 3.36 -22.64 7.25
CA ILE C 79 4.21 -22.42 8.41
C ILE C 79 3.34 -21.90 9.54
N TYR C 80 3.71 -22.24 10.77
CA TYR C 80 2.96 -21.84 11.94
C TYR C 80 3.52 -20.56 12.54
N VAL C 81 2.64 -19.78 13.15
CA VAL C 81 3.01 -18.53 13.79
C VAL C 81 2.37 -18.52 15.18
N PRO C 82 3.01 -17.96 16.21
CA PRO C 82 2.49 -18.16 17.57
C PRO C 82 1.19 -17.43 17.84
N SER C 83 0.99 -16.23 17.31
CA SER C 83 -0.12 -15.37 17.71
C SER C 83 -0.98 -15.01 16.51
N LYS C 84 -2.29 -15.27 16.63
CA LYS C 84 -3.23 -14.83 15.60
C LYS C 84 -3.34 -13.31 15.56
N LYS C 85 -3.23 -12.65 16.72
CA LYS C 85 -3.26 -11.19 16.75
C LYS C 85 -2.08 -10.60 16.00
N GLU C 86 -0.88 -11.14 16.25
CA GLU C 86 0.31 -10.68 15.53
C GLU C 86 0.20 -10.92 14.04
N LEU C 87 -0.38 -12.07 13.65
CA LEU C 87 -0.58 -12.36 12.24
C LEU C 87 -1.51 -11.34 11.60
N GLY C 88 -2.57 -10.97 12.32
CA GLY C 88 -3.48 -9.95 11.79
C GLY C 88 -2.80 -8.61 11.61
N ALA C 89 -1.97 -8.22 12.58
CA ALA C 89 -1.23 -6.96 12.45
C ALA C 89 -0.27 -7.03 11.27
N ALA C 90 0.42 -8.16 11.09
CA ALA C 90 1.29 -8.32 9.94
C ALA C 90 0.51 -8.22 8.64
N ALA C 91 -0.71 -8.74 8.63
CA ALA C 91 -1.58 -8.64 7.45
C ALA C 91 -2.14 -7.25 7.27
N GLY C 92 -1.98 -6.36 8.24
CA GLY C 92 -2.45 -4.99 8.10
C GLY C 92 -3.86 -4.73 8.56
N ILE C 93 -4.42 -5.58 9.43
CA ILE C 93 -5.78 -5.41 9.91
C ILE C 93 -5.76 -5.16 11.41
N GLU C 94 -6.85 -4.57 11.90
CA GLU C 94 -6.96 -4.19 13.31
C GLU C 94 -7.31 -5.36 14.22
N VAL C 95 -7.54 -6.55 13.66
CA VAL C 95 -8.05 -7.68 14.40
C VAL C 95 -7.17 -8.89 14.11
N ALA C 96 -7.43 -9.99 14.82
CA ALA C 96 -6.63 -11.19 14.65
C ALA C 96 -6.89 -11.85 13.30
N ALA C 97 -5.91 -12.64 12.86
CA ALA C 97 -6.04 -13.44 11.64
C ALA C 97 -5.62 -14.86 11.98
N ALA C 98 -6.58 -15.80 11.93
CA ALA C 98 -6.26 -17.20 12.18
C ALA C 98 -5.35 -17.77 11.11
N SER C 99 -5.46 -17.28 9.88
CA SER C 99 -4.60 -17.75 8.80
C SER C 99 -4.51 -16.70 7.71
N VAL C 100 -3.38 -16.70 7.02
CA VAL C 100 -3.10 -15.77 5.92
C VAL C 100 -2.41 -16.54 4.81
N ALA C 101 -2.70 -16.17 3.57
CA ALA C 101 -2.06 -16.77 2.39
C ALA C 101 -1.39 -15.68 1.57
N ILE C 102 -0.13 -15.89 1.22
CA ILE C 102 0.59 -14.98 0.35
C ILE C 102 0.37 -15.43 -1.09
N ILE C 103 -0.27 -14.57 -1.90
CA ILE C 103 -0.59 -14.89 -3.28
C ILE C 103 0.56 -14.44 -4.17
N GLU C 104 0.89 -13.16 -4.11
CA GLU C 104 2.01 -12.62 -4.87
C GLU C 104 3.04 -12.10 -3.90
N PRO C 105 4.22 -12.73 -3.78
CA PRO C 105 5.16 -12.36 -2.72
C PRO C 105 5.79 -10.99 -2.90
N GLY C 106 5.72 -10.41 -4.10
CA GLY C 106 6.32 -9.09 -4.30
C GLY C 106 7.81 -9.14 -4.07
N LYS C 107 8.29 -8.24 -3.22
CA LYS C 107 9.72 -8.20 -2.90
C LYS C 107 10.14 -9.26 -1.90
N ALA C 108 9.22 -10.12 -1.46
CA ALA C 108 9.54 -11.21 -0.55
C ALA C 108 9.59 -12.56 -1.24
N ARG C 109 9.81 -12.58 -2.56
CA ARG C 109 9.84 -13.85 -3.28
C ARG C 109 10.93 -14.76 -2.77
N ASP C 110 12.17 -14.25 -2.67
CA ASP C 110 13.26 -15.06 -2.15
C ASP C 110 13.02 -15.42 -0.68
N LEU C 111 12.33 -14.56 0.06
CA LEU C 111 12.05 -14.84 1.47
C LEU C 111 11.11 -16.04 1.61
N VAL C 112 10.00 -16.04 0.89
CA VAL C 112 9.03 -17.13 1.03
C VAL C 112 9.63 -18.44 0.55
N GLU C 113 10.56 -18.39 -0.42
CA GLU C 113 11.20 -19.62 -0.87
C GLU C 113 12.19 -20.12 0.16
N GLU C 114 12.88 -19.21 0.86
CA GLU C 114 13.73 -19.63 1.97
C GLU C 114 12.90 -20.22 3.10
N ILE C 115 11.73 -19.62 3.38
CA ILE C 115 10.85 -20.16 4.41
C ILE C 115 10.33 -21.53 3.98
N ALA C 116 9.96 -21.68 2.71
CA ALA C 116 9.46 -22.96 2.21
C ALA C 116 10.50 -24.06 2.39
N MET C 117 11.77 -23.75 2.09
CA MET C 117 12.82 -24.75 2.23
C MET C 117 13.04 -25.13 3.70
N LYS C 118 13.15 -24.12 4.56
CA LYS C 118 13.33 -24.41 5.98
C LYS C 118 12.16 -25.16 6.57
N VAL C 119 10.95 -24.92 6.07
CA VAL C 119 9.79 -25.68 6.52
C VAL C 119 9.94 -27.15 6.15
N ARG C 120 10.39 -27.43 4.93
CA ARG C 120 10.59 -28.83 4.52
C ARG C 120 11.59 -29.52 5.44
N GLU C 121 12.65 -28.82 5.84
CA GLU C 121 13.64 -29.41 6.74
C GLU C 121 13.04 -29.64 8.13
N LEU C 122 12.05 -28.86 8.53
CA LEU C 122 11.43 -29.03 9.83
C LEU C 122 10.40 -30.16 9.85
N MET C 123 9.86 -30.55 8.70
CA MET C 123 8.86 -31.61 8.62
C MET C 123 9.47 -32.99 8.51
N LYS C 124 10.69 -33.11 7.97
CA LYS C 124 11.32 -34.40 7.76
C LYS C 124 12.05 -34.87 9.01
PG GTP D 1 -31.35 21.89 -0.37
O1G GTP D 1 -31.31 21.04 -1.61
O2G GTP D 1 -30.98 21.06 0.84
O3G GTP D 1 -30.40 23.05 -0.50
O3B GTP D 1 -32.85 22.44 -0.15
PB GTP D 1 -33.18 23.48 1.05
O1B GTP D 1 -33.20 24.90 0.57
O2B GTP D 1 -32.20 23.29 2.20
O3A GTP D 1 -34.65 23.01 1.52
PA GTP D 1 -34.85 21.58 2.24
O1A GTP D 1 -36.10 20.92 1.74
O2A GTP D 1 -33.64 20.70 2.03
O5' GTP D 1 -35.01 21.98 3.79
C5' GTP D 1 -35.44 23.28 4.13
C4' GTP D 1 -36.32 23.21 5.37
O4' GTP D 1 -37.61 22.79 4.97
C3' GTP D 1 -35.86 22.16 6.37
O3' GTP D 1 -34.99 22.71 7.34
C2' GTP D 1 -37.15 21.69 6.99
O2' GTP D 1 -37.48 22.46 8.13
C1' GTP D 1 -38.19 21.91 5.91
N9 GTP D 1 -38.44 20.62 5.27
C8 GTP D 1 -38.09 20.26 3.99
N7 GTP D 1 -38.50 18.99 3.78
C5 GTP D 1 -39.09 18.53 4.89
C6 GTP D 1 -39.68 17.31 5.20
O6 GTP D 1 -39.71 16.41 4.37
N1 GTP D 1 -40.23 17.11 6.46
C2 GTP D 1 -40.20 18.12 7.39
N2 GTP D 1 -40.72 17.94 8.60
N3 GTP D 1 -39.61 19.35 7.08
C4 GTP D 1 -39.07 19.54 5.84
MG MG E . 9.15 11.90 -14.84
MG MG F . -21.02 3.12 -10.63
MG MG G . -40.47 -25.57 -22.59
MG MG H . -20.01 -7.62 -14.13
MG MG I . -2.69 -3.22 -20.61
MG MG J . -32.30 -21.48 -12.61
MG MG K . 3.74 -8.39 -20.82
MG MG L . -15.85 -11.00 -12.79
MG MG M . -0.62 -1.36 -29.11
MG MG N . -26.09 -28.28 -12.58
MG MG O . -23.36 -26.44 -10.14
MG MG P . -27.32 -30.13 -6.79
MG MG Q . -25.26 -30.73 -8.65
MG MG R . 6.17 -25.46 21.14
MG MG S . 5.97 -8.92 16.22
MG MG T . -8.43 15.29 11.19
MG MG U . -26.50 6.70 11.24
MG MG V . -25.25 1.09 10.28
MG MG W . -47.97 13.24 8.86
MG MG X . -35.59 13.44 3.77
MG MG Y . -13.02 5.99 3.94
MG MG Z . -34.17 19.23 3.99
MG MG AA . -24.31 -9.89 4.75
MG MG BA . -35.08 20.08 -0.20
#